data_5SUW
#
_entry.id   5SUW
#
_cell.length_a   40.310
_cell.length_b   81.110
_cell.length_c   83.850
_cell.angle_alpha   90.00
_cell.angle_beta   90.00
_cell.angle_gamma   90.00
#
_symmetry.space_group_name_H-M   'P 21 21 21'
#
loop_
_entity.id
_entity.type
_entity.pdbx_description
1 polymer 'TCP pilus virulence regulatory protein'
2 non-polymer '3-[(1R)-8-methyl-1,2,3,4-tetrahydronaphthalen-1-yl]propanoic acid'
3 non-polymer '2-(N-MORPHOLINO)-ETHANESULFONIC ACID'
4 water water
#
_entity_poly.entity_id   1
_entity_poly.type   'polypeptide(L)'
_entity_poly.pdbx_seq_one_letter_code
;MIGKKSFQTNVYRMSKFDTYIFNNLYINDYKMFWIDSGIAKLIDKNCLVSYEINSSSIILLKKNSIQRFSLTSLSDENIN
VSVITISDSFIRSLKSYILGDLMIRNLYSENKDLLLWNCEHNDIAVLSEVVNGFREINYSDEFLKVFFSGFFSKVEKKYN
SIFITDDLDAMEKISCLVKSDITRNWRWADICGELRTNRMILKKELESRGVKFRELINSIRISYSISLMKTGEFKIKQIA
YQSGFASVSYFSTVFKSTMNVAPSEYLFMLTGVAEK
;
_entity_poly.pdbx_strand_id   A
#
# COMPACT_ATOMS: atom_id res chain seq x y z
N LYS A 4 -0.07 13.53 -13.68
CA LYS A 4 -1.00 12.41 -13.50
C LYS A 4 -0.23 11.11 -13.21
N LYS A 5 0.95 10.96 -13.82
CA LYS A 5 1.77 9.76 -13.67
C LYS A 5 2.20 9.51 -12.23
N SER A 6 2.05 10.49 -11.34
CA SER A 6 2.46 10.35 -9.96
C SER A 6 1.54 9.43 -9.15
N PHE A 7 0.33 9.16 -9.64
CA PHE A 7 -0.67 8.40 -8.89
C PHE A 7 -1.26 7.27 -9.75
N GLN A 8 -1.49 6.14 -9.10
CA GLN A 8 -2.26 5.05 -9.68
C GLN A 8 -3.50 4.87 -8.81
N THR A 9 -4.67 4.79 -9.44
CA THR A 9 -5.91 4.85 -8.70
C THR A 9 -6.89 3.78 -9.17
N ASN A 10 -7.76 3.36 -8.26
CA ASN A 10 -8.81 2.38 -8.54
C ASN A 10 -10.00 2.64 -7.63
N VAL A 11 -11.17 2.20 -8.08
CA VAL A 11 -12.41 2.29 -7.31
C VAL A 11 -13.07 0.92 -7.31
N TYR A 12 -13.29 0.37 -6.11
CA TYR A 12 -13.89 -0.94 -5.93
C TYR A 12 -15.29 -0.79 -5.33
N ARG A 13 -16.24 -1.54 -5.88
CA ARG A 13 -17.61 -1.56 -5.38
C ARG A 13 -17.74 -2.62 -4.29
N MET A 14 -18.64 -2.36 -3.34
CA MET A 14 -18.72 -3.18 -2.13
C MET A 14 -20.18 -3.19 -1.67
N SER A 15 -20.82 -4.37 -1.78
CA SER A 15 -22.23 -4.48 -1.46
C SER A 15 -22.42 -4.71 0.04
N LYS A 16 -23.68 -4.76 0.47
CA LYS A 16 -24.00 -4.79 1.89
C LYS A 16 -23.38 -6.01 2.57
N PHE A 17 -22.67 -5.75 3.67
CA PHE A 17 -22.12 -6.76 4.57
C PHE A 17 -21.13 -7.69 3.88
N ASP A 18 -20.53 -7.27 2.77
CA ASP A 18 -19.46 -8.05 2.19
C ASP A 18 -18.12 -7.53 2.68
N THR A 19 -17.11 -8.38 2.59
CA THR A 19 -15.86 -8.12 3.29
C THR A 19 -14.69 -8.35 2.36
N TYR A 20 -13.77 -7.39 2.35
CA TYR A 20 -12.44 -7.58 1.80
C TYR A 20 -11.51 -8.04 2.93
N ILE A 21 -10.64 -9.02 2.64
CA ILE A 21 -9.77 -9.59 3.66
C ILE A 21 -8.36 -9.72 3.09
N PHE A 22 -7.39 -9.11 3.76
CA PHE A 22 -6.01 -9.04 3.27
C PHE A 22 -5.08 -9.66 4.31
N ASN A 23 -4.24 -10.58 3.85
CA ASN A 23 -3.30 -11.27 4.73
C ASN A 23 -1.94 -11.27 4.07
N ASN A 24 -0.94 -10.77 4.79
CA ASN A 24 0.42 -10.65 4.25
C ASN A 24 0.40 -9.88 2.94
N LEU A 25 -0.42 -8.84 2.91
CA LEU A 25 -0.43 -7.90 1.81
C LEU A 25 0.76 -6.97 1.97
N TYR A 26 1.69 -7.04 1.03
CA TYR A 26 2.85 -6.16 1.00
C TYR A 26 2.51 -4.86 0.28
N ILE A 27 2.87 -3.73 0.88
CA ILE A 27 2.56 -2.41 0.37
C ILE A 27 3.77 -1.95 -0.45
N ASN A 28 3.64 -2.00 -1.77
CA ASN A 28 4.79 -1.74 -2.63
C ASN A 28 5.10 -0.25 -2.71
N ASP A 29 4.08 0.59 -2.51
CA ASP A 29 4.21 2.04 -2.58
C ASP A 29 3.14 2.65 -1.68
N TYR A 30 3.36 3.88 -1.23
CA TYR A 30 2.41 4.53 -0.33
C TYR A 30 1.01 4.49 -0.93
N LYS A 31 0.05 4.08 -0.11
CA LYS A 31 -1.33 3.93 -0.53
C LYS A 31 -2.24 4.61 0.47
N MET A 32 -3.35 5.15 -0.02
CA MET A 32 -4.40 5.62 0.87
C MET A 32 -5.76 5.22 0.31
N PHE A 33 -6.72 5.01 1.21
CA PHE A 33 -8.05 4.65 0.76
C PHE A 33 -9.12 5.22 1.67
N TRP A 34 -10.31 5.39 1.11
CA TRP A 34 -11.47 5.83 1.85
C TRP A 34 -12.70 5.30 1.14
N ILE A 35 -13.78 5.17 1.90
CA ILE A 35 -15.10 4.87 1.34
C ILE A 35 -15.79 6.18 1.01
N ASP A 36 -16.72 6.12 0.06
CA ASP A 36 -17.38 7.32 -0.42
C ASP A 36 -18.72 7.60 0.26
N SER A 37 -19.28 6.63 0.98
CA SER A 37 -20.56 6.79 1.66
C SER A 37 -20.72 5.65 2.65
N GLY A 38 -21.66 5.81 3.57
CA GLY A 38 -21.94 4.75 4.51
C GLY A 38 -20.83 4.52 5.55
N ILE A 39 -20.93 3.35 6.19
CA ILE A 39 -20.04 2.97 7.28
C ILE A 39 -19.39 1.64 6.95
N ALA A 40 -18.08 1.55 7.17
CA ALA A 40 -17.35 0.30 7.05
C ALA A 40 -16.64 0.00 8.37
N LYS A 41 -16.46 -1.29 8.62
CA LYS A 41 -15.71 -1.76 9.78
C LYS A 41 -14.33 -2.21 9.31
N LEU A 42 -13.29 -1.70 9.96
CA LEU A 42 -11.91 -2.10 9.70
C LEU A 42 -11.41 -2.86 10.92
N ILE A 43 -11.00 -4.10 10.69
CA ILE A 43 -10.35 -4.91 11.73
C ILE A 43 -8.87 -5.01 11.38
N ASP A 44 -8.00 -4.40 12.19
CA ASP A 44 -6.55 -4.47 12.00
C ASP A 44 -6.00 -5.59 12.88
N LYS A 45 -5.58 -6.70 12.26
CA LYS A 45 -5.03 -7.82 13.01
C LYS A 45 -3.62 -7.54 13.51
N ASN A 46 -2.90 -6.60 12.89
CA ASN A 46 -1.56 -6.26 13.37
C ASN A 46 -1.62 -5.50 14.70
N CYS A 47 -2.50 -4.52 14.82
CA CYS A 47 -2.67 -3.79 16.07
C CYS A 47 -3.78 -4.37 16.94
N LEU A 48 -4.44 -5.45 16.50
CA LEU A 48 -5.50 -6.10 17.27
C LEU A 48 -6.58 -5.10 17.71
N VAL A 49 -7.01 -4.26 16.76
CA VAL A 49 -8.01 -3.23 17.01
C VAL A 49 -9.03 -3.27 15.88
N SER A 50 -10.27 -2.95 16.21
CA SER A 50 -11.31 -2.77 15.21
C SER A 50 -11.95 -1.41 15.42
N TYR A 51 -12.41 -0.81 14.32
CA TYR A 51 -13.11 0.46 14.41
C TYR A 51 -13.87 0.72 13.13
N GLU A 52 -14.80 1.66 13.24
CA GLU A 52 -15.68 2.01 12.14
C GLU A 52 -15.13 3.23 11.42
N ILE A 53 -15.28 3.24 10.10
CA ILE A 53 -14.87 4.38 9.29
C ILE A 53 -16.07 4.88 8.51
N ASN A 54 -16.07 6.17 8.20
CA ASN A 54 -17.12 6.77 7.39
C ASN A 54 -16.50 7.43 6.16
N SER A 55 -17.32 8.23 5.47
CA SER A 55 -16.92 8.88 4.23
C SER A 55 -15.82 9.93 4.42
N SER A 56 -15.45 10.26 5.65
CA SER A 56 -14.39 11.25 5.88
C SER A 56 -13.13 10.63 6.48
N SER A 57 -13.11 9.33 6.68
CA SER A 57 -11.95 8.63 7.21
C SER A 57 -11.01 8.29 6.06
N ILE A 58 -9.78 8.79 6.13
CA ILE A 58 -8.74 8.45 5.17
C ILE A 58 -7.78 7.49 5.85
N ILE A 59 -7.60 6.31 5.27
CA ILE A 59 -6.70 5.30 5.83
C ILE A 59 -5.45 5.25 4.96
N LEU A 60 -4.29 5.32 5.62
CA LEU A 60 -2.98 5.40 5.00
C LEU A 60 -2.22 4.12 5.30
N LEU A 61 -1.64 3.51 4.27
CA LEU A 61 -0.83 2.31 4.42
C LEU A 61 0.60 2.66 4.09
N LYS A 62 1.50 2.37 5.00
CA LYS A 62 2.90 2.77 4.84
C LYS A 62 3.62 1.85 3.86
N LYS A 63 4.45 2.44 3.03
CA LYS A 63 5.28 1.66 2.11
C LYS A 63 6.14 0.66 2.88
N ASN A 64 6.20 -0.57 2.37
CA ASN A 64 6.99 -1.68 2.86
C ASN A 64 6.42 -2.30 4.12
N SER A 65 5.17 -2.00 4.47
CA SER A 65 4.53 -2.73 5.55
C SER A 65 3.90 -4.02 5.02
N ILE A 66 3.56 -4.90 5.94
CA ILE A 66 2.89 -6.17 5.65
C ILE A 66 1.55 -6.12 6.37
N GLN A 67 0.46 -5.98 5.62
CA GLN A 67 -0.84 -5.64 6.18
C GLN A 67 -1.69 -6.88 6.39
N ARG A 68 -2.41 -6.89 7.52
CA ARG A 68 -3.37 -7.95 7.82
C ARG A 68 -4.60 -7.24 8.37
N PHE A 69 -5.60 -7.04 7.53
CA PHE A 69 -6.80 -6.38 8.00
C PHE A 69 -7.96 -6.79 7.10
N SER A 70 -9.17 -6.54 7.60
CA SER A 70 -10.37 -6.71 6.83
C SER A 70 -11.17 -5.42 6.85
N LEU A 71 -11.95 -5.23 5.79
CA LEU A 71 -12.84 -4.10 5.65
C LEU A 71 -14.22 -4.66 5.35
N THR A 72 -15.21 -4.32 6.18
CA THR A 72 -16.57 -4.83 6.04
C THR A 72 -17.56 -3.68 5.91
N SER A 73 -18.49 -3.82 4.95
CA SER A 73 -19.54 -2.84 4.75
C SER A 73 -20.61 -3.02 5.81
N LEU A 74 -20.93 -1.95 6.55
CA LEU A 74 -22.06 -1.93 7.48
C LEU A 74 -23.21 -1.08 6.96
N SER A 75 -23.28 -0.87 5.64
CA SER A 75 -24.36 -0.13 5.00
C SER A 75 -25.12 -1.07 4.08
N ASP A 76 -26.33 -0.69 3.71
CA ASP A 76 -27.04 -1.45 2.69
C ASP A 76 -26.81 -0.84 1.32
N GLU A 77 -26.96 0.49 1.22
CA GLU A 77 -26.51 1.21 0.04
C GLU A 77 -25.07 0.80 -0.29
N ASN A 78 -24.82 0.50 -1.56
CA ASN A 78 -23.50 0.04 -1.94
C ASN A 78 -22.47 1.13 -1.66
N ILE A 79 -21.23 0.69 -1.49
CA ILE A 79 -20.13 1.55 -1.09
C ILE A 79 -19.03 1.42 -2.12
N ASN A 80 -18.49 2.55 -2.56
CA ASN A 80 -17.30 2.56 -3.40
C ASN A 80 -16.09 2.90 -2.54
N VAL A 81 -15.08 2.01 -2.57
CA VAL A 81 -13.80 2.26 -1.94
C VAL A 81 -12.84 2.76 -3.01
N SER A 82 -12.22 3.92 -2.75
CA SER A 82 -11.22 4.51 -3.63
C SER A 82 -9.84 4.27 -3.05
N VAL A 83 -8.91 3.82 -3.88
CA VAL A 83 -7.53 3.56 -3.48
C VAL A 83 -6.60 4.37 -4.36
N ILE A 84 -5.64 5.06 -3.75
CA ILE A 84 -4.60 5.79 -4.45
C ILE A 84 -3.27 5.16 -4.10
N THR A 85 -2.50 4.80 -5.12
CA THR A 85 -1.14 4.37 -4.95
C THR A 85 -0.24 5.47 -5.48
N ILE A 86 0.68 5.94 -4.63
CA ILE A 86 1.49 7.11 -4.93
C ILE A 86 2.88 6.66 -5.34
N SER A 87 3.34 7.13 -6.50
CA SER A 87 4.60 6.64 -7.05
C SER A 87 5.79 7.17 -6.26
N ASP A 88 6.86 6.39 -6.23
CA ASP A 88 8.03 6.81 -5.46
C ASP A 88 8.62 8.10 -6.01
N SER A 89 8.54 8.30 -7.33
CA SER A 89 8.97 9.55 -7.92
C SER A 89 8.31 10.74 -7.23
N PHE A 90 6.99 10.68 -7.05
CA PHE A 90 6.28 11.78 -6.41
C PHE A 90 6.66 11.92 -4.94
N ILE A 91 6.70 10.80 -4.21
CA ILE A 91 7.08 10.83 -2.80
C ILE A 91 8.42 11.54 -2.61
N ARG A 92 9.38 11.26 -3.48
CA ARG A 92 10.70 11.85 -3.32
C ARG A 92 10.72 13.33 -3.68
N SER A 93 9.80 13.78 -4.54
CA SER A 93 9.69 15.22 -4.77
C SER A 93 9.10 15.94 -3.56
N LEU A 94 8.45 15.23 -2.64
CA LEU A 94 7.92 15.87 -1.43
C LEU A 94 8.98 16.12 -0.39
N LYS A 95 10.10 15.36 -0.44
CA LYS A 95 11.08 15.39 0.65
C LYS A 95 11.50 16.81 1.01
N SER A 96 11.58 17.71 0.03
CA SER A 96 12.02 19.08 0.30
C SER A 96 10.98 19.90 1.07
N TYR A 97 9.87 19.29 1.44
CA TYR A 97 8.82 19.93 2.24
C TYR A 97 8.68 19.31 3.61
N ILE A 98 8.70 17.97 3.69
CA ILE A 98 8.54 17.29 4.97
C ILE A 98 9.81 17.42 5.81
N LEU A 99 10.97 17.21 5.19
CA LEU A 99 12.25 17.22 5.88
C LEU A 99 12.86 18.61 5.98
N GLY A 100 12.19 19.64 5.46
CA GLY A 100 12.49 20.99 5.87
C GLY A 100 11.98 21.33 7.25
N ASP A 101 11.49 20.32 7.95
CA ASP A 101 10.97 20.40 9.32
C ASP A 101 11.40 19.15 10.09
N LEU A 102 12.72 18.92 10.15
CA LEU A 102 13.28 17.64 10.56
C LEU A 102 13.58 17.54 12.05
N MET A 103 13.80 18.67 12.73
CA MET A 103 14.18 18.62 14.15
C MET A 103 13.05 18.10 15.02
N ILE A 104 11.80 18.45 14.67
CA ILE A 104 10.64 17.80 15.27
C ILE A 104 10.62 16.32 14.93
N ARG A 105 10.95 15.99 13.68
CA ARG A 105 10.72 14.66 13.15
C ARG A 105 11.66 13.61 13.71
N ASN A 106 12.79 14.01 14.32
CA ASN A 106 13.67 13.04 14.95
C ASN A 106 13.01 12.40 16.18
N LEU A 107 12.16 13.15 16.87
CA LEU A 107 11.50 12.68 18.08
C LEU A 107 10.34 11.73 17.81
N TYR A 108 9.94 11.53 16.55
CA TYR A 108 8.87 10.59 16.21
C TYR A 108 9.35 9.14 16.31
N SER A 109 8.40 8.22 16.43
CA SER A 109 8.67 6.78 16.42
C SER A 109 8.37 6.17 15.04
N GLU A 110 8.51 4.85 14.96
CA GLU A 110 8.34 4.15 13.68
C GLU A 110 7.54 2.87 13.86
N ASN A 111 6.44 2.93 14.61
CA ASN A 111 5.75 1.68 14.86
C ASN A 111 4.47 1.51 14.04
N LYS A 112 3.92 2.57 13.48
CA LYS A 112 2.58 2.55 12.92
C LYS A 112 2.64 2.43 11.40
N ASP A 113 1.97 1.40 10.88
CA ASP A 113 1.91 1.11 9.44
C ASP A 113 0.56 1.44 8.82
N LEU A 114 -0.49 1.58 9.61
CA LEU A 114 -1.85 1.87 9.15
C LEU A 114 -2.36 3.04 9.96
N LEU A 115 -2.48 4.20 9.33
CA LEU A 115 -2.84 5.43 10.01
C LEU A 115 -4.22 5.89 9.53
N LEU A 116 -4.94 6.61 10.40
CA LEU A 116 -6.28 7.06 10.12
C LEU A 116 -6.32 8.58 10.23
N TRP A 117 -6.97 9.23 9.26
CA TRP A 117 -7.16 10.68 9.31
C TRP A 117 -8.61 11.01 9.03
N ASN A 118 -9.26 11.73 9.95
CA ASN A 118 -10.59 12.29 9.71
C ASN A 118 -10.39 13.68 9.13
N CYS A 119 -10.71 13.86 7.86
CA CYS A 119 -10.42 15.13 7.20
C CYS A 119 -11.71 15.89 6.89
N GLU A 120 -11.54 17.10 6.39
CA GLU A 120 -12.69 17.90 5.99
C GLU A 120 -13.01 17.68 4.51
N HIS A 121 -14.07 18.36 4.06
CA HIS A 121 -14.59 18.12 2.72
C HIS A 121 -13.55 18.47 1.66
N ASN A 122 -12.75 19.53 1.88
CA ASN A 122 -11.80 19.93 0.85
C ASN A 122 -10.76 18.85 0.58
N ASP A 123 -10.21 18.23 1.63
CA ASP A 123 -9.23 17.17 1.45
C ASP A 123 -9.81 16.04 0.62
N ILE A 124 -11.08 15.72 0.86
CA ILE A 124 -11.69 14.61 0.15
C ILE A 124 -12.07 15.02 -1.27
N ALA A 125 -12.36 16.31 -1.49
CA ALA A 125 -12.56 16.76 -2.88
C ALA A 125 -11.25 16.64 -3.68
N VAL A 126 -10.12 16.99 -3.07
CA VAL A 126 -8.85 16.89 -3.77
C VAL A 126 -8.52 15.43 -4.11
N LEU A 127 -8.60 14.54 -3.10
CA LEU A 127 -8.29 13.13 -3.37
C LEU A 127 -9.27 12.50 -4.36
N SER A 128 -10.53 12.93 -4.36
CA SER A 128 -11.49 12.44 -5.34
C SER A 128 -11.06 12.80 -6.77
N GLU A 129 -10.66 14.05 -6.97
CA GLU A 129 -10.18 14.47 -8.29
C GLU A 129 -8.92 13.72 -8.70
N VAL A 130 -8.08 13.34 -7.72
CA VAL A 130 -6.96 12.45 -8.02
C VAL A 130 -7.47 11.10 -8.51
N VAL A 131 -8.54 10.60 -7.90
CA VAL A 131 -9.07 9.29 -8.26
C VAL A 131 -9.77 9.36 -9.60
N ASN A 132 -10.27 10.53 -9.98
CA ASN A 132 -10.90 10.73 -11.28
C ASN A 132 -9.88 11.11 -12.36
N GLY A 133 -8.59 10.89 -12.12
CA GLY A 133 -7.58 11.18 -13.14
C GLY A 133 -7.52 12.62 -13.59
N PHE A 134 -7.93 13.56 -12.72
CA PHE A 134 -7.95 14.99 -13.03
C PHE A 134 -8.72 15.29 -14.30
N ARG A 135 -9.78 14.51 -14.57
CA ARG A 135 -10.61 14.77 -15.73
C ARG A 135 -11.33 16.10 -15.62
N GLU A 136 -11.67 16.53 -14.40
CA GLU A 136 -12.44 17.75 -14.21
C GLU A 136 -11.56 18.93 -13.81
N ILE A 137 -10.92 18.88 -12.65
CA ILE A 137 -9.93 19.88 -12.26
C ILE A 137 -8.54 19.30 -12.47
N ASN A 138 -7.68 20.07 -13.12
CA ASN A 138 -6.25 19.76 -13.12
C ASN A 138 -5.58 20.54 -12.00
N TYR A 139 -4.51 19.97 -11.46
CA TYR A 139 -3.79 20.57 -10.34
C TYR A 139 -2.31 20.65 -10.69
N SER A 140 -1.71 21.82 -10.43
CA SER A 140 -0.28 22.00 -10.68
C SER A 140 0.55 21.08 -9.78
N ASP A 141 1.75 20.74 -10.26
CA ASP A 141 2.65 19.91 -9.48
C ASP A 141 2.95 20.53 -8.12
N GLU A 142 3.05 21.86 -8.05
CA GLU A 142 3.31 22.52 -6.78
C GLU A 142 2.13 22.38 -5.84
N PHE A 143 0.90 22.50 -6.37
CA PHE A 143 -0.28 22.36 -5.52
C PHE A 143 -0.34 20.97 -4.89
N LEU A 144 -0.11 19.93 -5.70
CA LEU A 144 -0.19 18.57 -5.19
C LEU A 144 0.96 18.27 -4.25
N LYS A 145 2.14 18.83 -4.52
CA LYS A 145 3.26 18.63 -3.61
C LYS A 145 2.98 19.29 -2.26
N VAL A 146 2.52 20.53 -2.29
CA VAL A 146 2.15 21.21 -1.05
C VAL A 146 1.02 20.46 -0.34
N PHE A 147 -0.01 20.03 -1.09
CA PHE A 147 -1.15 19.35 -0.47
C PHE A 147 -0.73 18.04 0.18
N PHE A 148 -0.01 17.18 -0.56
CA PHE A 148 0.31 15.86 -0.04
C PHE A 148 1.37 15.94 1.07
N SER A 149 2.38 16.80 0.89
CA SER A 149 3.36 16.97 1.96
C SER A 149 2.71 17.48 3.24
N GLY A 150 1.77 18.43 3.09
CA GLY A 150 1.06 18.93 4.25
C GLY A 150 0.14 17.87 4.85
N PHE A 151 -0.46 17.04 4.00
CA PHE A 151 -1.30 15.96 4.49
C PHE A 151 -0.50 14.97 5.31
N PHE A 152 0.62 14.49 4.74
CA PHE A 152 1.45 13.51 5.43
C PHE A 152 2.00 14.05 6.75
N SER A 153 2.44 15.31 6.77
CA SER A 153 2.99 15.86 8.01
C SER A 153 1.92 16.04 9.08
N LYS A 154 0.68 16.36 8.70
CA LYS A 154 -0.44 16.37 9.66
C LYS A 154 -0.66 14.99 10.28
N VAL A 155 -0.62 13.94 9.46
CA VAL A 155 -0.86 12.59 9.95
C VAL A 155 0.31 12.12 10.80
N GLU A 156 1.55 12.44 10.40
CA GLU A 156 2.70 12.06 11.22
C GLU A 156 2.67 12.76 12.57
N LYS A 157 2.26 14.04 12.59
CA LYS A 157 2.10 14.75 13.85
C LYS A 157 1.10 14.05 14.75
N LYS A 158 -0.04 13.63 14.18
CA LYS A 158 -1.11 13.03 14.97
C LYS A 158 -0.64 11.77 15.70
N TYR A 159 0.06 10.90 14.99
CA TYR A 159 0.53 9.63 15.54
C TYR A 159 1.93 9.73 16.12
N ASN A 160 2.56 10.90 16.04
CA ASN A 160 3.91 11.10 16.55
C ASN A 160 4.84 10.04 15.99
N SER A 161 4.63 9.68 14.72
CA SER A 161 5.42 8.62 14.11
C SER A 161 5.71 8.95 12.65
N ILE A 162 6.90 8.54 12.20
CA ILE A 162 7.32 8.77 10.82
C ILE A 162 6.46 7.90 9.90
N PHE A 163 6.00 8.49 8.81
CA PHE A 163 5.27 7.79 7.76
C PHE A 163 6.07 7.70 6.48
N ILE A 164 6.65 8.81 6.03
CA ILE A 164 7.59 8.77 4.90
C ILE A 164 8.92 8.27 5.46
N THR A 165 9.24 7.00 5.22
CA THR A 165 10.53 6.50 5.63
C THR A 165 11.63 7.04 4.70
N ASP A 166 12.87 6.74 5.06
CA ASP A 166 14.04 7.21 4.32
C ASP A 166 14.67 6.05 3.55
N ASP A 167 15.48 6.41 2.55
CA ASP A 167 15.99 5.43 1.60
C ASP A 167 16.89 4.39 2.25
N LEU A 168 17.70 4.79 3.23
CA LEU A 168 18.66 3.87 3.83
C LEU A 168 18.03 2.94 4.87
N ASP A 169 16.70 2.90 4.98
CA ASP A 169 16.08 1.94 5.87
C ASP A 169 16.25 0.53 5.32
N ALA A 170 16.57 -0.40 6.22
CA ALA A 170 16.95 -1.76 5.81
C ALA A 170 15.85 -2.40 4.97
N MET A 171 14.61 -2.29 5.40
CA MET A 171 13.53 -2.96 4.69
C MET A 171 13.31 -2.34 3.32
N GLU A 172 13.53 -1.03 3.19
CA GLU A 172 13.48 -0.43 1.85
C GLU A 172 14.60 -0.98 0.96
N LYS A 173 15.78 -1.21 1.52
CA LYS A 173 16.87 -1.77 0.72
C LYS A 173 16.54 -3.19 0.26
N ILE A 174 16.03 -4.02 1.16
CA ILE A 174 15.61 -5.38 0.81
C ILE A 174 14.58 -5.34 -0.30
N SER A 175 13.59 -4.46 -0.17
CA SER A 175 12.44 -4.49 -1.08
C SER A 175 12.77 -3.87 -2.43
N CYS A 176 13.56 -2.80 -2.45
CA CYS A 176 14.04 -2.29 -3.74
C CYS A 176 14.83 -3.36 -4.46
N LEU A 177 15.70 -4.05 -3.72
CA LEU A 177 16.54 -5.08 -4.32
C LEU A 177 15.69 -6.20 -4.93
N VAL A 178 14.69 -6.68 -4.19
CA VAL A 178 13.84 -7.76 -4.71
C VAL A 178 13.05 -7.28 -5.93
N LYS A 179 12.51 -6.06 -5.87
CA LYS A 179 11.70 -5.55 -6.99
C LYS A 179 12.55 -5.28 -8.22
N SER A 180 13.84 -5.01 -8.06
CA SER A 180 14.72 -4.78 -9.19
C SER A 180 14.96 -6.05 -10.02
N ASP A 181 14.63 -7.23 -9.50
CA ASP A 181 14.84 -8.49 -10.21
C ASP A 181 13.86 -9.52 -9.68
N ILE A 182 12.58 -9.36 -10.04
CA ILE A 182 11.47 -10.05 -9.39
C ILE A 182 11.56 -11.58 -9.57
N THR A 183 12.09 -12.05 -10.71
CA THR A 183 12.15 -13.48 -10.99
C THR A 183 13.45 -14.11 -10.54
N ARG A 184 14.33 -13.35 -9.91
CA ARG A 184 15.52 -13.95 -9.34
C ARG A 184 15.13 -14.93 -8.24
N ASN A 185 15.87 -16.04 -8.15
CA ASN A 185 15.57 -17.05 -7.12
C ASN A 185 16.19 -16.59 -5.79
N TRP A 186 15.50 -15.68 -5.12
CA TRP A 186 16.08 -15.05 -3.94
C TRP A 186 16.21 -16.04 -2.79
N ARG A 187 17.37 -16.04 -2.14
CA ARG A 187 17.52 -16.68 -0.85
C ARG A 187 18.16 -15.70 0.11
N TRP A 188 18.19 -16.06 1.40
CA TRP A 188 18.82 -15.20 2.41
C TRP A 188 20.22 -14.77 1.98
N ALA A 189 21.03 -15.71 1.48
CA ALA A 189 22.40 -15.42 1.10
C ALA A 189 22.51 -14.30 0.08
N ASP A 190 21.52 -14.17 -0.83
CA ASP A 190 21.53 -13.09 -1.81
C ASP A 190 21.30 -11.73 -1.17
N ILE A 191 20.30 -11.63 -0.29
CA ILE A 191 20.07 -10.38 0.41
C ILE A 191 21.31 -9.95 1.18
N CYS A 192 21.91 -10.87 1.92
CA CYS A 192 23.07 -10.52 2.71
C CYS A 192 24.21 -10.04 1.82
N GLY A 193 24.42 -10.72 0.69
CA GLY A 193 25.53 -10.38 -0.18
C GLY A 193 25.32 -9.09 -0.93
N GLU A 194 24.09 -8.84 -1.42
CA GLU A 194 23.79 -7.57 -2.08
C GLU A 194 23.84 -6.41 -1.09
N LEU A 195 23.22 -6.55 0.08
CA LEU A 195 23.26 -5.46 1.05
C LEU A 195 24.52 -5.46 1.92
N ARG A 196 25.43 -6.44 1.77
CA ARG A 196 26.65 -6.52 2.59
C ARG A 196 26.33 -6.34 4.08
N THR A 197 25.29 -7.04 4.53
CA THR A 197 24.82 -6.86 5.90
C THR A 197 24.54 -8.22 6.53
N ASN A 198 24.91 -8.34 7.80
CA ASN A 198 24.73 -9.59 8.52
C ASN A 198 23.26 -10.03 8.54
N ARG A 199 23.05 -11.33 8.35
CA ARG A 199 21.74 -11.94 8.55
C ARG A 199 21.14 -11.55 9.89
N MET A 200 21.97 -11.49 10.94
CA MET A 200 21.48 -11.15 12.27
C MET A 200 20.76 -9.82 12.29
N ILE A 201 21.27 -8.83 11.54
CA ILE A 201 20.66 -7.51 11.53
C ILE A 201 19.47 -7.46 10.58
N LEU A 202 19.64 -7.98 9.36
CA LEU A 202 18.53 -7.95 8.41
C LEU A 202 17.34 -8.75 8.94
N LYS A 203 17.60 -9.80 9.70
CA LYS A 203 16.54 -10.67 10.22
C LYS A 203 15.46 -9.86 10.92
N LYS A 204 15.84 -8.79 11.63
CA LYS A 204 14.91 -8.03 12.45
C LYS A 204 13.78 -7.45 11.60
N GLU A 205 14.07 -7.07 10.37
CA GLU A 205 13.04 -6.47 9.51
C GLU A 205 11.94 -7.46 9.14
N LEU A 206 12.24 -8.75 9.09
CA LEU A 206 11.19 -9.71 8.76
C LEU A 206 10.41 -10.15 9.99
N GLU A 207 11.08 -10.35 11.13
CA GLU A 207 10.34 -10.76 12.32
C GLU A 207 9.51 -9.60 12.87
N SER A 208 10.00 -8.37 12.76
CA SER A 208 9.20 -7.21 13.10
C SER A 208 7.88 -7.20 12.35
N ARG A 209 7.84 -7.78 11.16
CA ARG A 209 6.61 -7.82 10.37
C ARG A 209 5.91 -9.18 10.39
N GLY A 210 6.37 -10.10 11.24
CA GLY A 210 5.71 -11.40 11.36
C GLY A 210 5.81 -12.32 10.15
N VAL A 211 6.85 -12.21 9.35
CA VAL A 211 6.99 -13.04 8.15
C VAL A 211 8.28 -13.82 8.20
N LYS A 212 8.25 -15.01 7.60
CA LYS A 212 9.45 -15.75 7.23
C LYS A 212 9.88 -15.35 5.82
N PHE A 213 11.09 -15.78 5.44
CA PHE A 213 11.66 -15.30 4.19
C PHE A 213 10.77 -15.64 2.99
N ARG A 214 10.20 -16.84 2.98
CA ARG A 214 9.40 -17.26 1.84
C ARG A 214 8.10 -16.46 1.74
N GLU A 215 7.39 -16.25 2.84
CA GLU A 215 6.20 -15.42 2.75
C GLU A 215 6.54 -13.98 2.36
N LEU A 216 7.73 -13.49 2.77
CA LEU A 216 8.14 -12.15 2.35
C LEU A 216 8.32 -12.06 0.83
N ILE A 217 9.14 -12.95 0.25
CA ILE A 217 9.30 -12.93 -1.21
C ILE A 217 7.95 -13.08 -1.88
N ASN A 218 7.12 -14.01 -1.38
CA ASN A 218 5.81 -14.21 -2.00
C ASN A 218 4.97 -12.94 -1.95
N SER A 219 4.97 -12.22 -0.82
CA SER A 219 4.14 -11.01 -0.73
C SER A 219 4.60 -9.94 -1.72
N ILE A 220 5.91 -9.76 -1.88
CA ILE A 220 6.38 -8.77 -2.84
C ILE A 220 5.93 -9.18 -4.25
N ARG A 221 5.99 -10.47 -4.57
CA ARG A 221 5.60 -10.89 -5.92
C ARG A 221 4.11 -10.75 -6.16
N ILE A 222 3.29 -10.95 -5.13
CA ILE A 222 1.85 -10.74 -5.30
C ILE A 222 1.58 -9.28 -5.62
N SER A 223 2.21 -8.37 -4.88
CA SER A 223 2.04 -6.94 -5.17
C SER A 223 2.59 -6.60 -6.54
N TYR A 224 3.74 -7.19 -6.89
CA TYR A 224 4.25 -6.97 -8.23
C TYR A 224 3.22 -7.37 -9.28
N SER A 225 2.53 -8.49 -9.03
CA SER A 225 1.54 -8.99 -10.00
C SER A 225 0.30 -8.11 -10.02
N ILE A 226 -0.09 -7.57 -8.86
CA ILE A 226 -1.22 -6.65 -8.83
C ILE A 226 -0.89 -5.41 -9.64
N SER A 227 0.35 -4.93 -9.50
CA SER A 227 0.81 -3.80 -10.31
C SER A 227 0.71 -4.11 -11.80
N LEU A 228 1.08 -5.34 -12.20
CA LEU A 228 0.97 -5.64 -13.63
C LEU A 228 -0.48 -5.74 -14.08
N MET A 229 -1.36 -6.27 -13.22
CA MET A 229 -2.75 -6.37 -13.65
C MET A 229 -3.33 -4.99 -13.91
N LYS A 230 -2.93 -3.98 -13.11
CA LYS A 230 -3.48 -2.64 -13.28
C LYS A 230 -3.07 -2.01 -14.61
N THR A 231 -1.96 -2.44 -15.20
CA THR A 231 -1.58 -1.89 -16.49
C THR A 231 -2.51 -2.31 -17.62
N GLY A 232 -3.47 -3.18 -17.35
CA GLY A 232 -4.32 -3.70 -18.39
C GLY A 232 -3.79 -4.95 -19.04
N GLU A 233 -2.65 -5.47 -18.57
CA GLU A 233 -2.24 -6.81 -18.95
C GLU A 233 -3.20 -7.82 -18.31
N PHE A 234 -3.70 -8.75 -19.13
CA PHE A 234 -4.87 -9.54 -18.80
C PHE A 234 -4.65 -11.04 -18.73
N LYS A 235 -3.48 -11.54 -19.11
CA LYS A 235 -3.25 -12.97 -19.18
C LYS A 235 -2.65 -13.44 -17.86
N ILE A 236 -3.42 -14.25 -17.12
CA ILE A 236 -3.00 -14.67 -15.79
C ILE A 236 -1.74 -15.54 -15.86
N LYS A 237 -1.68 -16.45 -16.84
CA LYS A 237 -0.51 -17.33 -16.96
C LYS A 237 0.76 -16.51 -17.17
N GLN A 238 0.67 -15.44 -17.97
CA GLN A 238 1.82 -14.58 -18.16
C GLN A 238 2.16 -13.81 -16.91
N ILE A 239 1.13 -13.33 -16.20
CA ILE A 239 1.35 -12.56 -14.98
C ILE A 239 2.04 -13.40 -13.91
N ALA A 240 1.66 -14.68 -13.78
CA ALA A 240 2.29 -15.54 -12.78
C ALA A 240 3.78 -15.68 -13.04
N TYR A 241 4.17 -15.98 -14.28
CA TYR A 241 5.58 -16.15 -14.57
C TYR A 241 6.30 -14.81 -14.56
N GLN A 242 5.64 -13.75 -15.01
CA GLN A 242 6.28 -12.44 -14.97
C GLN A 242 6.55 -11.98 -13.54
N SER A 243 5.74 -12.41 -12.58
CA SER A 243 5.95 -12.05 -11.19
C SER A 243 6.92 -12.99 -10.48
N GLY A 244 7.55 -13.91 -11.20
CA GLY A 244 8.55 -14.77 -10.58
C GLY A 244 8.03 -16.03 -9.92
N PHE A 245 6.76 -16.37 -10.10
CA PHE A 245 6.32 -17.65 -9.58
C PHE A 245 6.73 -18.77 -10.54
N ALA A 246 6.74 -19.99 -10.01
CA ALA A 246 7.18 -21.15 -10.80
C ALA A 246 6.03 -21.86 -11.49
N SER A 247 4.80 -21.64 -11.05
CA SER A 247 3.63 -22.23 -11.68
C SER A 247 2.44 -21.27 -11.50
N VAL A 248 1.44 -21.45 -12.35
CA VAL A 248 0.21 -20.67 -12.19
C VAL A 248 -0.53 -21.12 -10.94
N SER A 249 -0.48 -22.42 -10.62
CA SER A 249 -1.16 -22.94 -9.46
C SER A 249 -0.62 -22.30 -8.18
N TYR A 250 0.70 -22.27 -8.03
CA TYR A 250 1.29 -21.70 -6.83
C TYR A 250 0.99 -20.21 -6.73
N PHE A 251 1.06 -19.50 -7.86
CA PHE A 251 0.71 -18.09 -7.87
C PHE A 251 -0.73 -17.89 -7.42
N SER A 252 -1.65 -18.73 -7.93
CA SER A 252 -3.07 -18.56 -7.59
C SER A 252 -3.33 -18.85 -6.13
N THR A 253 -2.66 -19.88 -5.59
CA THR A 253 -2.83 -20.24 -4.19
C THR A 253 -2.36 -19.11 -3.27
N VAL A 254 -1.17 -18.56 -3.54
CA VAL A 254 -0.66 -17.44 -2.76
C VAL A 254 -1.55 -16.21 -2.93
N PHE A 255 -1.97 -15.92 -4.17
CA PHE A 255 -2.84 -14.78 -4.42
C PHE A 255 -4.13 -14.89 -3.61
N LYS A 256 -4.78 -16.06 -3.68
CA LYS A 256 -6.03 -16.27 -2.96
C LYS A 256 -5.82 -16.11 -1.45
N SER A 257 -4.68 -16.60 -0.96
CA SER A 257 -4.35 -16.46 0.45
C SER A 257 -4.14 -15.00 0.85
N THR A 258 -3.64 -14.17 -0.07
CA THR A 258 -3.32 -12.78 0.24
C THR A 258 -4.52 -11.86 0.09
N MET A 259 -5.34 -12.11 -0.92
CA MET A 259 -6.36 -11.18 -1.34
C MET A 259 -7.76 -11.71 -1.14
N ASN A 260 -7.92 -13.00 -0.82
CA ASN A 260 -9.22 -13.63 -0.64
C ASN A 260 -10.03 -13.66 -1.93
N VAL A 261 -9.44 -13.36 -3.08
CA VAL A 261 -10.09 -13.47 -4.37
C VAL A 261 -9.16 -14.15 -5.35
N ALA A 262 -9.74 -14.86 -6.34
CA ALA A 262 -8.87 -15.49 -7.31
C ALA A 262 -8.31 -14.43 -8.26
N PRO A 263 -7.08 -14.64 -8.76
CA PRO A 263 -6.45 -13.65 -9.65
C PRO A 263 -7.36 -13.12 -10.75
N SER A 264 -8.12 -14.02 -11.40
CA SER A 264 -8.98 -13.56 -12.49
C SER A 264 -10.17 -12.77 -11.96
N GLU A 265 -10.65 -13.09 -10.75
CA GLU A 265 -11.68 -12.26 -10.15
C GLU A 265 -11.15 -10.86 -9.90
N TYR A 266 -9.92 -10.74 -9.39
CA TYR A 266 -9.38 -9.41 -9.15
C TYR A 266 -9.14 -8.67 -10.45
N LEU A 267 -8.59 -9.35 -11.45
CA LEU A 267 -8.30 -8.70 -12.73
C LEU A 267 -9.56 -8.08 -13.32
N PHE A 268 -10.73 -8.68 -13.03
CA PHE A 268 -12.00 -8.14 -13.51
C PHE A 268 -12.50 -6.98 -12.64
N MET A 269 -12.22 -6.99 -11.34
CA MET A 269 -12.57 -5.83 -10.51
C MET A 269 -11.89 -4.56 -11.01
N LEU A 270 -10.72 -4.70 -11.63
CA LEU A 270 -10.04 -3.56 -12.24
C LEU A 270 -10.74 -3.14 -13.52
N THR A 271 -10.64 -3.96 -14.56
CA THR A 271 -11.14 -3.63 -15.90
C THR A 271 -12.64 -3.93 -15.98
N GLY A 272 -13.41 -3.14 -15.23
CA GLY A 272 -14.85 -3.29 -15.14
C GLY A 272 -15.43 -2.87 -13.81
#